data_3A3Z
#
_entry.id   3A3Z
#
_cell.length_a   45.297
_cell.length_b   51.688
_cell.length_c   133.092
_cell.angle_alpha   90.00
_cell.angle_beta   90.00
_cell.angle_gamma   90.00
#
_symmetry.space_group_name_H-M   'P 21 21 21'
#
loop_
_entity.id
_entity.type
_entity.pdbx_description
1 polymer 'Vitamin D3 receptor'
2 non-polymer (1S,2S,3R,5Z,7E,14beta,17alpha)-17-[(2S,4S)-4-(2-hydroxy-2-methylpropyl)-2-methyltetrahydrofuran-2-yl]-2-methyl-9,10-secoandrosta-5,7,10-triene-1,3-diol
3 non-polymer 'SULFATE ION'
4 water water
#
_entity_poly.entity_id   1
_entity_poly.type   'polypeptide(L)'
_entity_poly.pdbx_seq_one_letter_code
;GSHMDSLRPKLSEEQQRIIAILLDAHHKTYDPTYSDFCQFRPPVRVNDGGGSVTLELSQLSMLPHLADLVSYSIQKVIGF
AKMIPGFRDLTSEDQIVLLKSSAIEVIMLRSNESFTMDDMSWTCGNQDYKYRVSDVTKAGHSLELIEPLIKFQVGLKKLN
LHEEEHVLLMAICIVSPDRPGVQDAALIEAIQDRLSNTLQTYIRCRHPPPGSHLLYAKMIQKLADLRSLNEEHSKQYRCL
SFQPECSMKLTPLVLEVFGNEIS
;
_entity_poly.pdbx_strand_id   X
#
loop_
_chem_comp.id
_chem_comp.type
_chem_comp.name
_chem_comp.formula
2MV non-polymer (1S,2S,3R,5Z,7E,14beta,17alpha)-17-[(2S,4S)-4-(2-hydroxy-2-methylpropyl)-2-methyltetrahydrofuran-2-yl]-2-methyl-9,10-secoandrosta-5,7,10-triene-1,3-diol 'C29 H46 O4'
SO4 non-polymer 'SULFATE ION' 'O4 S -2'
#
# COMPACT_ATOMS: atom_id res chain seq x y z
N ASP A 5 -5.74 23.89 26.25
CA ASP A 5 -5.91 25.05 25.33
C ASP A 5 -6.43 24.64 23.95
N SER A 6 -5.88 23.55 23.39
CA SER A 6 -6.18 23.16 22.01
C SER A 6 -7.67 23.09 21.71
N LEU A 7 -8.10 23.91 20.75
CA LEU A 7 -9.48 23.92 20.29
C LEU A 7 -9.80 22.68 19.48
N ARG A 8 -11.07 22.29 19.50
CA ARG A 8 -11.54 21.10 18.78
C ARG A 8 -12.70 21.46 17.87
N PRO A 9 -12.41 22.12 16.73
CA PRO A 9 -13.49 22.43 15.79
C PRO A 9 -14.16 21.16 15.31
N LYS A 10 -15.48 21.20 15.17
CA LYS A 10 -16.26 20.06 14.73
C LYS A 10 -16.01 19.78 13.25
N LEU A 11 -16.16 18.52 12.86
CA LEU A 11 -16.10 18.13 11.46
C LEU A 11 -17.22 18.84 10.70
N SER A 12 -16.86 19.45 9.57
CA SER A 12 -17.85 20.11 8.73
C SER A 12 -18.72 19.08 8.02
N GLU A 13 -19.82 19.55 7.43
CA GLU A 13 -20.71 18.71 6.63
CA GLU A 13 -20.70 18.71 6.64
C GLU A 13 -19.92 18.02 5.53
N GLU A 14 -19.08 18.79 4.84
CA GLU A 14 -18.24 18.29 3.75
C GLU A 14 -17.23 17.24 4.24
N GLN A 15 -16.59 17.52 5.37
CA GLN A 15 -15.60 16.58 5.93
C GLN A 15 -16.23 15.24 6.32
N GLN A 16 -17.46 15.30 6.84
CA GLN A 16 -18.23 14.09 7.14
C GLN A 16 -18.53 13.30 5.87
N ARG A 17 -18.90 14.01 4.79
CA ARG A 17 -19.16 13.37 3.50
CA ARG A 17 -19.16 13.37 3.50
C ARG A 17 -17.90 12.72 2.94
N ILE A 18 -16.76 13.41 3.08
CA ILE A 18 -15.48 12.90 2.59
C ILE A 18 -15.14 11.58 3.26
N ILE A 19 -15.29 11.52 4.57
CA ILE A 19 -15.06 10.31 5.35
C ILE A 19 -16.00 9.18 4.90
N ALA A 20 -17.28 9.50 4.73
CA ALA A 20 -18.27 8.51 4.28
C ALA A 20 -17.90 7.94 2.90
N ILE A 21 -17.51 8.82 1.98
CA ILE A 21 -17.13 8.42 0.62
C ILE A 21 -15.93 7.47 0.64
N LEU A 22 -14.91 7.82 1.41
CA LEU A 22 -13.69 7.01 1.50
C LEU A 22 -13.92 5.65 2.14
N LEU A 23 -14.75 5.60 3.19
CA LEU A 23 -15.11 4.33 3.81
C LEU A 23 -15.85 3.43 2.81
N ASP A 24 -16.83 4.00 2.11
CA ASP A 24 -17.56 3.31 1.06
C ASP A 24 -16.62 2.80 -0.05
N ALA A 25 -15.73 3.67 -0.51
CA ALA A 25 -14.74 3.31 -1.54
C ALA A 25 -13.89 2.11 -1.11
N HIS A 26 -13.40 2.15 0.13
CA HIS A 26 -12.60 1.05 0.66
C HIS A 26 -13.41 -0.24 0.76
N HIS A 27 -14.65 -0.15 1.26
CA HIS A 27 -15.49 -1.34 1.40
C HIS A 27 -15.84 -1.99 0.07
N LYS A 28 -15.86 -1.18 -0.99
CA LYS A 28 -16.14 -1.66 -2.34
CA LYS A 28 -16.14 -1.66 -2.34
C LYS A 28 -14.91 -2.27 -3.02
N THR A 29 -13.73 -1.92 -2.52
CA THR A 29 -12.46 -2.33 -3.17
C THR A 29 -11.54 -3.19 -2.32
N TYR A 30 -11.94 -3.47 -1.08
CA TYR A 30 -11.19 -4.38 -0.21
C TYR A 30 -12.10 -5.48 0.35
N ASP A 31 -11.96 -6.69 -0.21
CA ASP A 31 -12.70 -7.86 0.24
C ASP A 31 -11.99 -8.48 1.46
N PRO A 32 -12.58 -8.35 2.66
CA PRO A 32 -11.90 -8.82 3.88
C PRO A 32 -11.94 -10.34 4.07
N THR A 33 -12.53 -11.06 3.12
CA THR A 33 -12.54 -12.53 3.11
C THR A 33 -11.54 -13.12 2.12
N TYR A 34 -11.00 -12.26 1.24
CA TYR A 34 -9.96 -12.67 0.28
C TYR A 34 -10.44 -13.83 -0.62
N SER A 35 -11.72 -13.78 -0.98
CA SER A 35 -12.39 -14.87 -1.69
C SER A 35 -11.99 -15.01 -3.17
N ASP A 36 -11.30 -14.00 -3.72
CA ASP A 36 -10.81 -14.03 -5.10
C ASP A 36 -9.46 -14.72 -5.27
N PHE A 37 -8.78 -15.01 -4.16
CA PHE A 37 -7.38 -15.46 -4.17
C PHE A 37 -7.18 -16.83 -4.86
N CYS A 38 -8.20 -17.66 -4.83
CA CYS A 38 -8.16 -18.97 -5.51
C CYS A 38 -8.08 -18.85 -7.03
N GLN A 39 -8.35 -17.64 -7.55
CA GLN A 39 -8.29 -17.37 -8.98
C GLN A 39 -6.86 -17.06 -9.46
N PHE A 40 -5.97 -16.73 -8.52
CA PHE A 40 -4.59 -16.42 -8.86
C PHE A 40 -3.83 -17.69 -9.22
N ARG A 41 -2.71 -17.55 -9.93
CA ARG A 41 -1.80 -18.69 -10.09
C ARG A 41 -1.42 -19.24 -8.69
N PRO A 42 -1.37 -20.57 -8.54
CA PRO A 42 -1.23 -21.15 -7.19
C PRO A 42 0.11 -20.82 -6.51
N PRO A 43 0.09 -20.62 -5.19
CA PRO A 43 1.35 -20.48 -4.46
C PRO A 43 2.14 -21.78 -4.48
N VAL A 44 3.45 -21.68 -4.67
CA VAL A 44 4.34 -22.84 -4.59
C VAL A 44 5.49 -22.48 -3.65
N ARG A 45 5.78 -23.37 -2.71
CA ARG A 45 6.83 -23.12 -1.72
C ARG A 45 7.90 -24.22 -1.77
N VAL A 46 9.02 -23.92 -2.44
CA VAL A 46 10.14 -24.85 -2.54
C VAL A 46 10.83 -25.01 -1.18
N ASN A 47 11.56 -26.11 -1.00
CA ASN A 47 12.34 -26.31 0.23
C ASN A 47 13.57 -25.42 0.23
N ASP A 48 13.56 -24.41 1.10
CA ASP A 48 14.63 -23.40 1.13
C ASP A 48 14.87 -22.89 2.56
N GLY A 49 15.08 -23.83 3.48
CA GLY A 49 15.38 -23.49 4.87
C GLY A 49 16.65 -22.67 5.02
N GLY A 50 17.58 -22.86 4.09
CA GLY A 50 18.86 -22.15 4.10
C GLY A 50 18.84 -20.75 3.52
N GLY A 51 17.70 -20.36 2.93
CA GLY A 51 17.55 -19.03 2.33
C GLY A 51 18.52 -18.78 1.20
N SER A 52 18.77 -19.71 0.28
CA SER A 52 19.68 -19.69 -0.85
C SER A 52 19.18 -18.76 -1.95
N VAL A 53 19.94 -17.70 -2.21
CA VAL A 53 19.58 -16.73 -3.25
C VAL A 53 19.56 -17.39 -4.63
N THR A 54 20.54 -18.27 -4.87
CA THR A 54 20.65 -19.03 -6.12
C THR A 54 19.39 -19.87 -6.35
N LEU A 55 18.97 -20.62 -5.34
CA LEU A 55 17.74 -21.42 -5.43
C LEU A 55 16.50 -20.55 -5.60
N GLU A 56 16.41 -19.47 -4.82
CA GLU A 56 15.27 -18.55 -4.88
C GLU A 56 15.08 -17.97 -6.28
N LEU A 57 16.19 -17.57 -6.90
CA LEU A 57 16.17 -17.00 -8.25
C LEU A 57 15.92 -18.05 -9.33
N SER A 58 16.46 -19.26 -9.12
CA SER A 58 16.28 -20.35 -10.08
CA SER A 58 16.28 -20.35 -10.08
C SER A 58 14.82 -20.75 -10.20
N GLN A 59 14.12 -20.79 -9.07
CA GLN A 59 12.74 -21.24 -9.03
C GLN A 59 11.68 -20.13 -9.06
N LEU A 60 11.95 -19.04 -8.34
CA LEU A 60 10.97 -17.97 -8.13
C LEU A 60 9.58 -18.55 -7.87
N SER A 61 9.50 -19.48 -6.93
CA SER A 61 8.33 -20.33 -6.76
C SER A 61 7.07 -19.59 -6.34
N MET A 62 7.23 -18.53 -5.54
CA MET A 62 6.10 -17.74 -5.06
C MET A 62 5.78 -16.53 -5.94
N LEU A 63 6.61 -16.29 -6.96
CA LEU A 63 6.45 -15.10 -7.78
C LEU A 63 5.14 -15.02 -8.57
N PRO A 64 4.77 -16.10 -9.31
CA PRO A 64 3.48 -16.02 -10.03
C PRO A 64 2.29 -15.66 -9.14
N HIS A 65 2.18 -16.30 -7.97
CA HIS A 65 1.09 -16.02 -7.04
C HIS A 65 1.15 -14.60 -6.48
N LEU A 66 2.32 -14.18 -6.02
CA LEU A 66 2.47 -12.86 -5.40
C LEU A 66 2.36 -11.73 -6.43
N ALA A 67 2.80 -11.99 -7.67
CA ALA A 67 2.61 -11.04 -8.77
C ALA A 67 1.13 -10.85 -9.08
N ASP A 68 0.39 -11.96 -9.10
CA ASP A 68 -1.06 -11.93 -9.33
C ASP A 68 -1.77 -11.20 -8.20
N LEU A 69 -1.35 -11.47 -6.97
CA LEU A 69 -1.88 -10.80 -5.78
C LEU A 69 -1.65 -9.29 -5.85
N VAL A 70 -0.43 -8.89 -6.20
CA VAL A 70 -0.08 -7.47 -6.29
C VAL A 70 -0.81 -6.80 -7.46
N SER A 71 -0.89 -7.50 -8.59
CA SER A 71 -1.59 -6.98 -9.77
C SER A 71 -3.08 -6.72 -9.49
N TYR A 72 -3.74 -7.69 -8.87
CA TYR A 72 -5.12 -7.58 -8.38
C TYR A 72 -5.27 -6.36 -7.47
N SER A 73 -4.34 -6.20 -6.55
CA SER A 73 -4.37 -5.10 -5.59
C SER A 73 -4.21 -3.74 -6.26
N ILE A 74 -3.35 -3.66 -7.28
CA ILE A 74 -3.19 -2.42 -8.05
C ILE A 74 -4.52 -2.04 -8.73
N GLN A 75 -5.23 -3.02 -9.28
CA GLN A 75 -6.55 -2.77 -9.87
C GLN A 75 -7.51 -2.20 -8.83
N LYS A 76 -7.51 -2.79 -7.64
CA LYS A 76 -8.38 -2.31 -6.56
C LYS A 76 -8.01 -0.89 -6.10
N VAL A 77 -6.71 -0.60 -6.03
CA VAL A 77 -6.21 0.74 -5.70
C VAL A 77 -6.59 1.80 -6.74
N ILE A 78 -6.54 1.44 -8.03
CA ILE A 78 -7.00 2.33 -9.10
C ILE A 78 -8.48 2.70 -8.86
N GLY A 79 -9.30 1.70 -8.58
CA GLY A 79 -10.71 1.90 -8.26
C GLY A 79 -10.93 2.78 -7.05
N PHE A 80 -10.15 2.54 -5.99
CA PHE A 80 -10.23 3.35 -4.77
C PHE A 80 -9.91 4.81 -5.05
N ALA A 81 -8.79 5.03 -5.75
CA ALA A 81 -8.32 6.37 -6.06
C ALA A 81 -9.35 7.19 -6.82
N LYS A 82 -10.05 6.54 -7.75
CA LYS A 82 -11.03 7.21 -8.60
C LYS A 82 -12.22 7.74 -7.79
N MET A 83 -12.40 7.21 -6.58
CA MET A 83 -13.48 7.64 -5.67
C MET A 83 -13.03 8.70 -4.66
N ILE A 84 -11.74 9.00 -4.59
CA ILE A 84 -11.23 10.06 -3.70
C ILE A 84 -11.79 11.40 -4.17
N PRO A 85 -12.49 12.13 -3.27
CA PRO A 85 -13.01 13.45 -3.61
C PRO A 85 -11.92 14.35 -4.20
N GLY A 86 -12.13 14.81 -5.44
CA GLY A 86 -11.19 15.69 -6.10
C GLY A 86 -10.25 15.01 -7.10
N PHE A 87 -10.02 13.71 -6.94
CA PHE A 87 -9.07 12.98 -7.78
C PHE A 87 -9.39 13.10 -9.28
N ARG A 88 -10.67 13.04 -9.61
CA ARG A 88 -11.10 13.13 -11.01
C ARG A 88 -11.10 14.56 -11.56
N ASP A 89 -10.81 15.54 -10.70
CA ASP A 89 -10.59 16.93 -11.14
C ASP A 89 -9.21 17.10 -11.78
N LEU A 90 -8.32 16.15 -11.51
CA LEU A 90 -6.98 16.16 -12.09
C LEU A 90 -7.00 15.70 -13.54
N THR A 91 -6.02 16.13 -14.31
CA THR A 91 -5.84 15.64 -15.67
C THR A 91 -5.55 14.16 -15.64
N SER A 92 -5.91 13.47 -16.72
CA SER A 92 -5.64 12.03 -16.85
C SER A 92 -4.15 11.74 -16.62
N GLU A 93 -3.30 12.61 -17.17
CA GLU A 93 -1.85 12.47 -17.07
C GLU A 93 -1.35 12.50 -15.62
N ASP A 94 -1.85 13.44 -14.82
CA ASP A 94 -1.49 13.52 -13.40
C ASP A 94 -2.05 12.33 -12.61
N GLN A 95 -3.26 11.90 -12.96
CA GLN A 95 -3.88 10.73 -12.33
C GLN A 95 -2.98 9.50 -12.44
N ILE A 96 -2.48 9.24 -13.64
CA ILE A 96 -1.61 8.09 -13.91
C ILE A 96 -0.26 8.21 -13.20
N VAL A 97 0.33 9.41 -13.21
CA VAL A 97 1.58 9.66 -12.47
C VAL A 97 1.41 9.30 -10.99
N LEU A 98 0.33 9.79 -10.38
CA LEU A 98 0.05 9.55 -8.96
C LEU A 98 -0.19 8.07 -8.65
N LEU A 99 -0.94 7.39 -9.52
CA LEU A 99 -1.24 5.98 -9.33
C LEU A 99 0.02 5.09 -9.44
N LYS A 100 0.82 5.31 -10.47
CA LYS A 100 2.01 4.50 -10.68
C LYS A 100 3.06 4.71 -9.60
N SER A 101 3.19 5.95 -9.11
CA SER A 101 4.19 6.26 -8.09
C SER A 101 3.80 5.79 -6.68
N SER A 102 2.50 5.67 -6.41
CA SER A 102 2.01 5.32 -5.07
C SER A 102 1.58 3.86 -4.91
N ALA A 103 1.37 3.16 -6.01
CA ALA A 103 0.82 1.80 -5.99
C ALA A 103 1.41 0.90 -4.90
N ILE A 104 2.74 0.73 -4.91
CA ILE A 104 3.40 -0.15 -3.95
C ILE A 104 3.20 0.32 -2.50
N GLU A 105 3.20 1.64 -2.30
CA GLU A 105 3.00 2.22 -0.97
C GLU A 105 1.59 1.94 -0.44
N VAL A 106 0.58 2.11 -1.29
CA VAL A 106 -0.81 1.85 -0.90
C VAL A 106 -1.04 0.37 -0.65
N ILE A 107 -0.38 -0.48 -1.43
CA ILE A 107 -0.41 -1.93 -1.20
C ILE A 107 0.15 -2.27 0.19
N MET A 108 1.28 -1.68 0.54
CA MET A 108 1.87 -1.90 1.85
C MET A 108 0.96 -1.41 2.97
N LEU A 109 0.35 -0.24 2.79
CA LEU A 109 -0.61 0.31 3.75
C LEU A 109 -1.85 -0.58 3.91
N ARG A 110 -2.50 -0.89 2.80
CA ARG A 110 -3.75 -1.65 2.85
C ARG A 110 -3.55 -3.09 3.36
N SER A 111 -2.36 -3.64 3.14
CA SER A 111 -2.02 -4.99 3.60
C SER A 111 -2.00 -5.10 5.12
N ASN A 112 -1.93 -3.96 5.81
CA ASN A 112 -1.95 -3.95 7.27
C ASN A 112 -3.22 -4.60 7.82
N GLU A 113 -4.28 -4.59 7.02
CA GLU A 113 -5.56 -5.20 7.41
C GLU A 113 -5.49 -6.73 7.51
N SER A 114 -4.66 -7.35 6.67
CA SER A 114 -4.46 -8.80 6.72
C SER A 114 -3.28 -9.20 7.62
N PHE A 115 -2.36 -8.27 7.84
CA PHE A 115 -1.23 -8.51 8.75
C PHE A 115 -1.73 -8.78 10.16
N THR A 116 -1.09 -9.74 10.83
CA THR A 116 -1.40 -10.05 12.22
C THR A 116 -0.15 -10.23 13.06
N MET A 117 -0.16 -9.63 14.25
CA MET A 117 0.95 -9.78 15.19
C MET A 117 0.87 -11.10 15.97
N ASP A 118 -0.18 -11.88 15.73
CA ASP A 118 -0.30 -13.23 16.29
C ASP A 118 0.92 -14.08 15.94
N ASP A 119 1.33 -14.04 14.66
CA ASP A 119 2.48 -14.80 14.19
C ASP A 119 3.32 -14.05 13.14
N MET A 120 3.10 -12.74 13.03
CA MET A 120 3.85 -11.87 12.13
C MET A 120 3.71 -12.23 10.65
N SER A 121 2.49 -12.60 10.26
CA SER A 121 2.19 -12.99 8.88
C SER A 121 1.05 -12.14 8.31
N TRP A 122 0.91 -12.14 6.99
CA TRP A 122 -0.28 -11.62 6.35
C TRP A 122 -1.23 -12.81 6.17
N THR A 123 -2.25 -12.89 7.03
CA THR A 123 -3.15 -14.05 7.04
C THR A 123 -4.40 -13.77 6.22
N CYS A 124 -4.50 -14.42 5.05
CA CYS A 124 -5.62 -14.22 4.13
C CYS A 124 -6.46 -15.49 3.93
N GLY A 125 -6.53 -16.30 4.99
CA GLY A 125 -7.29 -17.55 4.98
C GLY A 125 -6.42 -18.71 5.40
N ASN A 126 -6.62 -19.84 4.74
CA ASN A 126 -5.93 -21.08 5.07
C ASN A 126 -4.42 -21.02 4.84
N GLN A 127 -3.74 -22.08 5.27
CA GLN A 127 -2.33 -22.36 5.00
C GLN A 127 -1.81 -21.78 3.67
N ASP A 128 -2.55 -22.00 2.59
CA ASP A 128 -2.12 -21.58 1.25
C ASP A 128 -1.93 -20.07 1.12
N TYR A 129 -2.84 -19.30 1.71
CA TYR A 129 -2.83 -17.84 1.58
C TYR A 129 -2.42 -17.14 2.88
N LYS A 130 -1.55 -17.80 3.64
CA LYS A 130 -0.86 -17.16 4.75
C LYS A 130 0.55 -16.86 4.24
N TYR A 131 0.91 -15.58 4.25
CA TYR A 131 2.20 -15.15 3.69
C TYR A 131 3.16 -14.71 4.78
N ARG A 132 4.35 -15.33 4.76
CA ARG A 132 5.39 -15.05 5.74
C ARG A 132 6.60 -14.41 5.04
N VAL A 133 7.57 -13.96 5.84
CA VAL A 133 8.79 -13.37 5.28
C VAL A 133 9.52 -14.34 4.34
N SER A 134 9.41 -15.63 4.63
CA SER A 134 10.02 -16.69 3.80
C SER A 134 9.37 -16.80 2.42
N ASP A 135 8.12 -16.37 2.29
CA ASP A 135 7.44 -16.33 0.99
C ASP A 135 7.95 -15.18 0.13
N VAL A 136 8.29 -14.07 0.79
CA VAL A 136 8.84 -12.90 0.12
C VAL A 136 10.22 -13.19 -0.44
N THR A 137 11.03 -13.95 0.30
CA THR A 137 12.35 -14.37 -0.19
C THR A 137 12.21 -15.32 -1.39
N LYS A 138 11.15 -16.14 -1.38
CA LYS A 138 10.86 -17.06 -2.48
C LYS A 138 10.34 -16.35 -3.73
N ALA A 139 10.05 -15.05 -3.61
CA ALA A 139 9.71 -14.21 -4.76
C ALA A 139 10.88 -13.33 -5.21
N GLY A 140 12.06 -13.58 -4.64
CA GLY A 140 13.29 -12.94 -5.08
C GLY A 140 13.70 -11.66 -4.37
N HIS A 141 13.07 -11.38 -3.22
CA HIS A 141 13.44 -10.21 -2.41
C HIS A 141 14.36 -10.56 -1.23
N SER A 142 15.01 -9.55 -0.67
CA SER A 142 16.00 -9.76 0.38
C SER A 142 15.67 -9.02 1.68
N LEU A 143 16.50 -9.24 2.71
CA LEU A 143 16.28 -8.69 4.05
C LEU A 143 16.20 -7.16 4.09
N GLU A 144 16.94 -6.50 3.21
CA GLU A 144 16.98 -5.03 3.20
C GLU A 144 15.62 -4.39 2.91
N LEU A 145 14.72 -5.16 2.30
CA LEU A 145 13.33 -4.74 2.14
C LEU A 145 12.43 -5.37 3.23
N ILE A 146 12.63 -6.66 3.47
CA ILE A 146 11.79 -7.43 4.38
C ILE A 146 11.80 -6.90 5.82
N GLU A 147 13.00 -6.62 6.33
CA GLU A 147 13.16 -6.12 7.70
C GLU A 147 12.38 -4.82 7.97
N PRO A 148 12.66 -3.74 7.20
CA PRO A 148 11.87 -2.51 7.39
C PRO A 148 10.37 -2.66 7.08
N LEU A 149 10.01 -3.57 6.18
CA LEU A 149 8.59 -3.81 5.86
C LEU A 149 7.85 -4.37 7.07
N ILE A 150 8.42 -5.37 7.72
CA ILE A 150 7.83 -5.94 8.94
C ILE A 150 7.77 -4.92 10.08
N LYS A 151 8.86 -4.15 10.24
CA LYS A 151 8.90 -3.08 11.24
C LYS A 151 7.78 -2.06 10.99
N PHE A 152 7.59 -1.71 9.72
CA PHE A 152 6.51 -0.80 9.32
C PHE A 152 5.13 -1.37 9.68
N GLN A 153 4.90 -2.64 9.37
CA GLN A 153 3.60 -3.27 9.64
C GLN A 153 3.27 -3.24 11.14
N VAL A 154 4.25 -3.57 11.97
CA VAL A 154 4.06 -3.57 13.42
C VAL A 154 3.82 -2.15 13.95
N GLY A 155 4.64 -1.21 13.51
CA GLY A 155 4.47 0.20 13.88
C GLY A 155 3.09 0.73 13.56
N LEU A 156 2.61 0.42 12.36
CA LEU A 156 1.29 0.84 11.91
C LEU A 156 0.19 0.16 12.74
N LYS A 157 0.36 -1.13 13.03
CA LYS A 157 -0.60 -1.87 13.82
C LYS A 157 -0.75 -1.26 15.23
N LYS A 158 0.38 -0.87 15.82
CA LYS A 158 0.42 -0.32 17.17
C LYS A 158 -0.15 1.10 17.29
N LEU A 159 -0.41 1.75 16.15
CA LEU A 159 -1.11 3.03 16.14
C LEU A 159 -2.61 2.87 16.41
N ASN A 160 -3.11 1.64 16.23
CA ASN A 160 -4.53 1.32 16.43
C ASN A 160 -5.47 2.29 15.70
N LEU A 161 -5.24 2.48 14.42
CA LEU A 161 -6.02 3.45 13.64
C LEU A 161 -7.48 3.06 13.55
N HIS A 162 -8.36 4.07 13.64
CA HIS A 162 -9.75 3.93 13.26
C HIS A 162 -9.78 3.69 11.76
N GLU A 163 -10.79 2.99 11.26
CA GLU A 163 -10.88 2.76 9.82
C GLU A 163 -10.95 4.09 9.05
N GLU A 164 -11.65 5.07 9.64
CA GLU A 164 -11.69 6.44 9.12
C GLU A 164 -10.28 7.02 8.88
N GLU A 165 -9.39 6.81 9.85
CA GLU A 165 -8.00 7.28 9.76
C GLU A 165 -7.18 6.50 8.72
N HIS A 166 -7.44 5.19 8.65
CA HIS A 166 -6.78 4.28 7.72
C HIS A 166 -7.05 4.68 6.26
N VAL A 167 -8.32 4.92 5.94
CA VAL A 167 -8.71 5.28 4.57
C VAL A 167 -8.24 6.68 4.18
N LEU A 168 -8.26 7.60 5.15
CA LEU A 168 -7.72 8.94 4.93
C LEU A 168 -6.22 8.88 4.63
N LEU A 169 -5.49 8.04 5.38
CA LEU A 169 -4.05 7.90 5.15
C LEU A 169 -3.73 7.37 3.76
N MET A 170 -4.51 6.39 3.29
CA MET A 170 -4.32 5.85 1.93
C MET A 170 -4.57 6.92 0.88
N ALA A 171 -5.63 7.72 1.08
CA ALA A 171 -5.98 8.81 0.17
C ALA A 171 -4.88 9.88 0.11
N ILE A 172 -4.37 10.25 1.27
CA ILE A 172 -3.30 11.25 1.39
C ILE A 172 -2.04 10.75 0.70
N CYS A 173 -1.73 9.46 0.88
CA CYS A 173 -0.60 8.82 0.23
C CYS A 173 -0.65 8.97 -1.30
N ILE A 174 -1.81 8.69 -1.89
CA ILE A 174 -2.00 8.73 -3.34
C ILE A 174 -1.92 10.15 -3.89
N VAL A 175 -2.60 11.09 -3.22
CA VAL A 175 -2.68 12.46 -3.70
C VAL A 175 -1.51 13.27 -3.10
N SER A 176 -0.31 12.99 -3.58
CA SER A 176 0.91 13.65 -3.09
CA SER A 176 0.90 13.65 -3.10
C SER A 176 1.49 14.56 -4.17
N PRO A 177 1.64 15.87 -3.86
CA PRO A 177 2.15 16.79 -4.88
C PRO A 177 3.65 16.65 -5.21
N ASP A 178 4.43 15.96 -4.38
N ASP A 178 4.37 15.97 -4.32
CA ASP A 178 5.88 15.92 -4.61
CA ASP A 178 5.80 15.73 -4.44
C ASP A 178 6.41 14.74 -5.44
C ASP A 178 6.07 14.32 -4.99
N ARG A 179 5.53 14.07 -6.18
CA ARG A 179 5.88 12.90 -6.97
C ARG A 179 6.53 13.38 -8.26
N PRO A 180 7.59 12.68 -8.73
CA PRO A 180 8.25 13.10 -9.97
C PRO A 180 7.32 13.02 -11.19
N GLY A 181 7.32 14.06 -12.01
CA GLY A 181 6.54 14.08 -13.25
C GLY A 181 5.16 14.71 -13.20
N VAL A 182 4.71 15.11 -12.01
CA VAL A 182 3.41 15.80 -11.86
C VAL A 182 3.43 17.17 -12.52
N GLN A 183 2.32 17.56 -13.13
CA GLN A 183 2.24 18.86 -13.79
C GLN A 183 1.58 19.91 -12.91
N ASP A 184 0.38 19.64 -12.41
CA ASP A 184 -0.33 20.62 -11.59
C ASP A 184 -0.18 20.33 -10.09
N ALA A 185 1.02 20.59 -9.58
CA ALA A 185 1.35 20.36 -8.17
C ALA A 185 0.41 21.12 -7.23
N ALA A 186 0.04 22.34 -7.62
CA ALA A 186 -0.82 23.19 -6.80
C ALA A 186 -2.21 22.60 -6.58
N LEU A 187 -2.82 22.05 -7.64
CA LEU A 187 -4.13 21.42 -7.53
C LEU A 187 -4.05 20.14 -6.68
N ILE A 188 -3.05 19.31 -6.94
CA ILE A 188 -2.81 18.11 -6.13
C ILE A 188 -2.67 18.46 -4.65
N GLU A 189 -1.88 19.50 -4.36
CA GLU A 189 -1.70 19.98 -2.99
C GLU A 189 -3.02 20.44 -2.36
N ALA A 190 -3.87 21.10 -3.14
CA ALA A 190 -5.18 21.56 -2.65
C ALA A 190 -6.07 20.38 -2.25
N ILE A 191 -6.09 19.36 -3.10
CA ILE A 191 -6.86 18.14 -2.83
C ILE A 191 -6.31 17.42 -1.58
N GLN A 192 -4.99 17.31 -1.48
CA GLN A 192 -4.36 16.67 -0.33
C GLN A 192 -4.65 17.45 0.96
N ASP A 193 -4.56 18.77 0.90
CA ASP A 193 -4.82 19.63 2.07
C ASP A 193 -6.25 19.44 2.60
N ARG A 194 -7.21 19.30 1.69
CA ARG A 194 -8.60 19.03 2.07
C ARG A 194 -8.69 17.70 2.85
N LEU A 195 -7.95 16.70 2.41
CA LEU A 195 -7.89 15.40 3.08
C LEU A 195 -7.13 15.45 4.40
N SER A 196 -5.99 16.16 4.39
CA SER A 196 -5.17 16.31 5.59
CA SER A 196 -5.16 16.32 5.58
C SER A 196 -5.92 17.04 6.69
N ASN A 197 -6.63 18.11 6.34
CA ASN A 197 -7.45 18.85 7.29
C ASN A 197 -8.57 17.99 7.88
N THR A 198 -9.18 17.15 7.04
CA THR A 198 -10.20 16.19 7.49
C THR A 198 -9.61 15.23 8.54
N LEU A 199 -8.43 14.70 8.25
CA LEU A 199 -7.75 13.78 9.17
C LEU A 199 -7.39 14.44 10.49
N GLN A 200 -6.78 15.62 10.43
CA GLN A 200 -6.39 16.36 11.64
C GLN A 200 -7.60 16.66 12.51
N THR A 201 -8.68 17.12 11.88
CA THR A 201 -9.92 17.46 12.59
C THR A 201 -10.54 16.21 13.21
N TYR A 202 -10.59 15.11 12.45
CA TYR A 202 -11.12 13.84 12.95
C TYR A 202 -10.39 13.37 14.23
N ILE A 203 -9.06 13.36 14.18
CA ILE A 203 -8.25 12.88 15.31
C ILE A 203 -8.53 13.70 16.58
N ARG A 204 -8.62 15.00 16.43
CA ARG A 204 -8.75 15.92 17.56
C ARG A 204 -10.13 15.93 18.20
N CYS A 205 -11.16 15.49 17.48
CA CYS A 205 -12.51 15.47 18.04
C CYS A 205 -13.15 14.09 18.16
N ARG A 206 -12.57 13.08 17.51
CA ARG A 206 -13.15 11.72 17.51
C ARG A 206 -12.23 10.61 18.06
N HIS A 207 -10.93 10.89 18.17
CA HIS A 207 -10.00 9.88 18.68
C HIS A 207 -9.73 10.11 20.17
N PRO A 208 -10.13 9.15 21.03
CA PRO A 208 -9.95 9.26 22.48
C PRO A 208 -8.50 9.12 22.93
N PRO A 209 -8.13 9.72 24.08
CA PRO A 209 -6.77 9.56 24.62
C PRO A 209 -6.59 8.18 25.23
N PRO A 210 -5.33 7.72 25.40
CA PRO A 210 -4.07 8.36 25.04
C PRO A 210 -3.56 8.01 23.63
N GLY A 211 -4.32 7.20 22.89
CA GLY A 211 -3.95 6.79 21.54
C GLY A 211 -3.90 7.91 20.53
N SER A 212 -4.54 9.03 20.86
CA SER A 212 -4.60 10.21 20.00
C SER A 212 -3.36 11.10 20.11
N HIS A 213 -2.55 10.85 21.14
CA HIS A 213 -1.40 11.70 21.46
C HIS A 213 -0.37 11.74 20.33
N LEU A 214 -0.21 12.93 19.75
CA LEU A 214 0.69 13.18 18.61
C LEU A 214 0.46 12.19 17.45
N LEU A 215 -0.77 11.71 17.32
CA LEU A 215 -1.10 10.68 16.32
C LEU A 215 -0.90 11.14 14.88
N TYR A 216 -1.33 12.36 14.57
CA TYR A 216 -1.17 12.89 13.21
C TYR A 216 0.30 12.90 12.77
N ALA A 217 1.19 13.34 13.65
CA ALA A 217 2.63 13.34 13.37
C ALA A 217 3.17 11.93 13.12
N LYS A 218 2.66 10.96 13.89
CA LYS A 218 3.04 9.55 13.72
C LYS A 218 2.60 9.01 12.36
N MET A 219 1.40 9.40 11.93
CA MET A 219 0.87 9.00 10.63
C MET A 219 1.68 9.62 9.47
N ILE A 220 2.06 10.89 9.62
CA ILE A 220 2.92 11.57 8.67
C ILE A 220 4.29 10.88 8.53
N GLN A 221 4.84 10.44 9.66
CA GLN A 221 6.10 9.69 9.66
C GLN A 221 5.99 8.37 8.90
N LYS A 222 4.84 7.70 9.03
CA LYS A 222 4.61 6.47 8.29
C LYS A 222 4.61 6.68 6.77
N LEU A 223 4.13 7.84 6.32
CA LEU A 223 4.19 8.19 4.90
C LEU A 223 5.64 8.34 4.43
N ALA A 224 6.49 8.90 5.28
CA ALA A 224 7.92 9.01 4.98
C ALA A 224 8.57 7.63 4.91
N ASP A 225 8.21 6.75 5.85
CA ASP A 225 8.70 5.36 5.86
C ASP A 225 8.36 4.65 4.55
N LEU A 226 7.16 4.91 4.03
CA LEU A 226 6.71 4.29 2.78
C LEU A 226 7.55 4.69 1.58
N ARG A 227 8.03 5.93 1.57
CA ARG A 227 8.92 6.42 0.52
C ARG A 227 10.20 5.60 0.48
N SER A 228 10.75 5.31 1.66
CA SER A 228 11.96 4.51 1.79
CA SER A 228 11.96 4.51 1.78
C SER A 228 11.73 3.08 1.31
N LEU A 229 10.58 2.52 1.70
CA LEU A 229 10.22 1.17 1.28
C LEU A 229 9.98 1.10 -0.24
N ASN A 230 9.38 2.16 -0.79
CA ASN A 230 9.17 2.28 -2.24
C ASN A 230 10.50 2.18 -2.99
N GLU A 231 11.48 2.97 -2.56
CA GLU A 231 12.80 3.02 -3.20
CA GLU A 231 12.79 3.02 -3.20
C GLU A 231 13.51 1.67 -3.16
N GLU A 232 13.45 1.01 -2.00
CA GLU A 232 14.10 -0.29 -1.83
C GLU A 232 13.42 -1.38 -2.66
N HIS A 233 12.08 -1.36 -2.70
CA HIS A 233 11.34 -2.30 -3.53
C HIS A 233 11.71 -2.13 -5.02
N SER A 234 11.80 -0.87 -5.47
CA SER A 234 12.13 -0.57 -6.86
C SER A 234 13.52 -1.13 -7.23
N LYS A 235 14.50 -0.90 -6.35
CA LYS A 235 15.85 -1.39 -6.54
CA LYS A 235 15.85 -1.39 -6.55
C LYS A 235 15.88 -2.91 -6.69
N GLN A 236 15.15 -3.60 -5.79
CA GLN A 236 15.13 -5.05 -5.79
C GLN A 236 14.32 -5.64 -6.95
N TYR A 237 13.25 -4.97 -7.34
CA TYR A 237 12.48 -5.37 -8.52
C TYR A 237 13.34 -5.32 -9.78
N ARG A 238 14.15 -4.26 -9.89
CA ARG A 238 15.04 -4.09 -11.04
C ARG A 238 15.97 -5.29 -11.22
N CYS A 239 16.59 -5.76 -10.14
CA CYS A 239 17.51 -6.89 -10.18
CA CYS A 239 17.51 -6.88 -10.23
C CYS A 239 16.78 -8.21 -10.39
N LEU A 240 15.59 -8.33 -9.80
CA LEU A 240 14.73 -9.48 -10.00
C LEU A 240 14.41 -9.66 -11.49
N SER A 241 14.20 -8.53 -12.17
CA SER A 241 13.81 -8.52 -13.58
CA SER A 241 13.82 -8.50 -13.59
C SER A 241 14.93 -8.98 -14.52
N PHE A 242 16.16 -9.05 -14.01
CA PHE A 242 17.28 -9.57 -14.81
C PHE A 242 17.21 -11.08 -14.97
N GLN A 243 16.39 -11.74 -14.17
CA GLN A 243 16.29 -13.20 -14.23
C GLN A 243 15.61 -13.62 -15.54
N PRO A 244 16.30 -14.41 -16.38
CA PRO A 244 15.64 -14.88 -17.61
C PRO A 244 14.29 -15.54 -17.33
N GLU A 245 13.30 -15.19 -18.17
CA GLU A 245 11.92 -15.72 -18.10
C GLU A 245 11.07 -15.13 -16.98
N CYS A 246 11.58 -14.09 -16.29
CA CYS A 246 10.87 -13.44 -15.19
CA CYS A 246 10.85 -13.48 -15.19
C CYS A 246 9.56 -12.80 -15.63
N SER A 247 9.56 -12.22 -16.83
CA SER A 247 8.38 -11.49 -17.34
C SER A 247 7.10 -12.34 -17.36
N MET A 248 7.25 -13.63 -17.68
CA MET A 248 6.10 -14.54 -17.74
CA MET A 248 6.12 -14.58 -17.74
C MET A 248 5.54 -14.86 -16.35
N LYS A 249 6.35 -14.67 -15.32
CA LYS A 249 5.93 -14.87 -13.94
C LYS A 249 5.25 -13.63 -13.36
N LEU A 250 5.28 -12.53 -14.12
CA LEU A 250 4.67 -11.27 -13.68
C LEU A 250 3.33 -11.06 -14.39
N THR A 251 2.88 -9.81 -14.48
CA THR A 251 1.70 -9.44 -15.27
C THR A 251 1.99 -8.16 -16.05
N PRO A 252 1.29 -7.91 -17.17
CA PRO A 252 1.47 -6.65 -17.89
C PRO A 252 1.35 -5.39 -17.01
N LEU A 253 0.40 -5.39 -16.08
CA LEU A 253 0.22 -4.25 -15.17
C LEU A 253 1.42 -4.08 -14.24
N VAL A 254 1.86 -5.17 -13.63
CA VAL A 254 3.04 -5.16 -12.75
C VAL A 254 4.29 -4.71 -13.52
N LEU A 255 4.46 -5.22 -14.74
CA LEU A 255 5.57 -4.83 -15.60
C LEU A 255 5.59 -3.33 -15.88
N GLU A 256 4.43 -2.74 -16.13
CA GLU A 256 4.33 -1.31 -16.39
C GLU A 256 4.61 -0.45 -15.15
N VAL A 257 3.94 -0.78 -14.05
CA VAL A 257 4.05 0.01 -12.82
C VAL A 257 5.48 0.01 -12.25
N PHE A 258 6.13 -1.16 -12.24
CA PHE A 258 7.47 -1.26 -11.63
C PHE A 258 8.64 -1.27 -12.62
N GLY A 259 8.34 -1.36 -13.92
CA GLY A 259 9.37 -1.40 -14.94
C GLY A 259 9.60 -0.03 -15.58
O26 2MV B . 8.00 -7.29 -6.25
C26 2MV B . 6.88 -8.19 -6.29
C27 2MV B . 6.18 -7.98 -7.62
C28 2MV B . 7.45 -9.61 -6.26
C25 2MV B . 5.90 -7.90 -5.15
C23 2MV B . 6.50 -7.95 -3.74
C22 2MV B . 5.77 -7.05 -2.74
C24 2MV B . 6.37 -9.32 -3.09
O20 2MV B . 6.32 -9.10 -1.67
C20 2MV B . 6.06 -7.72 -1.38
C21 2MV B . 7.36 -7.12 -0.83
C17 2MV B . 4.97 -7.59 -0.27
C13 2MV B . 3.76 -8.52 -0.27
C18 2MV B . 2.99 -8.51 -1.59
C12 2MV B . 4.04 -9.98 0.12
C11 2MV B . 2.77 -10.78 0.51
C9 2MV B . 1.81 -10.08 1.48
C16 2MV B . 4.38 -6.18 -0.07
C15 2MV B . 3.02 -6.38 0.63
C14 2MV B . 2.98 -7.90 0.88
C8 2MV B . 1.67 -8.61 1.13
C7 2MV B . 0.47 -7.99 1.02
C6 2MV B . -0.81 -8.65 1.28
C5 2MV B . -2.00 -8.33 0.72
C10 2MV B . -2.19 -7.28 -0.28
C19 2MV B . -1.39 -7.17 -1.33
C1 2MV B . -3.38 -6.34 -0.09
O1 2MV B . -3.59 -5.48 -1.22
C4 2MV B . -3.23 -9.11 1.13
C3 2MV B . -4.42 -8.16 1.35
O3 2MV B . -4.22 -7.43 2.57
C2 2MV B . -4.65 -7.16 0.21
C29 2MV B . -5.28 -7.83 -1.02
S SO4 C . 12.25 -12.03 -19.76
O1 SO4 C . 12.00 -11.10 -18.68
O2 SO4 C . 11.24 -13.08 -19.71
O3 SO4 C . 12.14 -11.33 -21.05
O4 SO4 C . 13.59 -12.60 -19.62
S SO4 D . -3.77 -8.04 14.95
O1 SO4 D . -4.22 -7.74 16.31
O2 SO4 D . -4.06 -9.43 14.64
O3 SO4 D . -4.47 -7.17 14.01
O4 SO4 D . -2.33 -7.79 14.86
#